data_3R04
#
_entry.id   3R04
#
_cell.length_a   97.941
_cell.length_b   97.941
_cell.length_c   80.629
_cell.angle_alpha   90.00
_cell.angle_beta   90.00
_cell.angle_gamma   120.00
#
_symmetry.space_group_name_H-M   'P 65'
#
loop_
_entity.id
_entity.type
_entity.pdbx_description
1 polymer 'Proto-oncogene serine/threonine-protein kinase pim-1'
2 non-polymer '5-{6-[(trans-4-aminocyclohexyl)amino]pyrazin-2-yl}-1-benzofuran-2-carboxylic acid'
3 non-polymer IMIDAZOLE
4 water water
#
_entity_poly.entity_id   1
_entity_poly.type   'polypeptide(L)'
_entity_poly.pdbx_seq_one_letter_code
;MKEKEPLESQYQVGPLLGSGGFGSVYSGIRVSDNLPVAIKHVEKDRISDWGELPNGTRVPMEVVLLKKVSSGFSGVIRLL
DWFERPDSFVLILERPEPVQDLFDFITERGALQEELARSFFWQVLEAVRHCHNCGVLHRDIKDENILIDLNRGELKLIDF
GSGALLKDTVYTDFDGTRVYSPPEWIRYHRYHGRSAAVWSLGILLYDMVCGDIPFEHDEEIIRGQVFFRQRVSSECQHLI
RWCLALRPSDRPTFEEIQNHPWMQDVLLPQETAEIHLHSLSPGPSKAAALEHHHHHHHH
;
_entity_poly.pdbx_strand_id   A
#
loop_
_chem_comp.id
_chem_comp.type
_chem_comp.name
_chem_comp.formula
IMD non-polymer IMIDAZOLE 'C3 H5 N2 1'
UNQ non-polymer '5-{6-[(trans-4-aminocyclohexyl)amino]pyrazin-2-yl}-1-benzofuran-2-carboxylic acid' 'C19 H20 N4 O3'
#
# COMPACT_ATOMS: atom_id res chain seq x y z
N GLU A 8 -6.82 -26.01 5.50
CA GLU A 8 -6.35 -27.41 5.18
C GLU A 8 -7.47 -28.36 4.63
N SER A 9 -8.42 -28.69 5.50
CA SER A 9 -9.77 -29.05 5.05
C SER A 9 -10.71 -27.80 5.08
N GLN A 10 -10.27 -26.71 5.70
CA GLN A 10 -11.07 -25.48 5.76
C GLN A 10 -11.08 -24.70 4.41
N TYR A 11 -10.02 -24.88 3.59
CA TYR A 11 -9.82 -24.06 2.40
C TYR A 11 -9.54 -24.92 1.23
N GLN A 12 -10.13 -24.54 0.09
CA GLN A 12 -9.81 -25.09 -1.21
C GLN A 12 -8.79 -24.18 -1.93
N VAL A 13 -7.64 -24.72 -2.30
CA VAL A 13 -6.56 -23.89 -2.92
C VAL A 13 -6.75 -23.84 -4.42
N GLY A 14 -6.58 -22.65 -4.99
CA GLY A 14 -6.66 -22.39 -6.43
C GLY A 14 -5.27 -22.00 -6.90
N PRO A 15 -5.18 -21.23 -7.99
CA PRO A 15 -3.94 -20.91 -8.66
C PRO A 15 -2.99 -20.08 -7.79
N LEU A 16 -1.69 -20.27 -7.99
CA LEU A 16 -0.70 -19.30 -7.42
C LEU A 16 -0.96 -17.93 -8.04
N LEU A 17 -1.04 -16.88 -7.22
CA LEU A 17 -1.26 -15.49 -7.73
C LEU A 17 0.10 -14.79 -7.94
N GLY A 18 1.01 -14.95 -6.98
CA GLY A 18 2.39 -14.38 -7.13
C GLY A 18 3.29 -14.80 -6.00
N SER A 19 4.58 -14.58 -6.19
CA SER A 19 5.54 -14.83 -5.11
C SER A 19 6.69 -13.83 -5.12
N GLY A 20 7.40 -13.69 -4.02
CA GLY A 20 8.59 -12.77 -4.08
C GLY A 20 9.22 -12.60 -2.72
N GLY A 21 9.64 -11.37 -2.42
CA GLY A 21 10.11 -11.03 -1.06
C GLY A 21 9.10 -11.44 0.02
N PHE A 22 7.81 -11.21 -0.25
CA PHE A 22 6.70 -11.44 0.71
C PHE A 22 6.32 -12.93 0.98
N GLY A 23 6.80 -13.87 0.15
CA GLY A 23 6.47 -15.33 0.24
C GLY A 23 5.72 -15.78 -1.04
N SER A 24 4.68 -16.64 -0.87
CA SER A 24 3.82 -17.00 -2.04
C SER A 24 2.37 -16.86 -1.72
N VAL A 25 1.56 -16.35 -2.62
CA VAL A 25 0.14 -16.12 -2.31
C VAL A 25 -0.68 -16.87 -3.36
N TYR A 26 -1.73 -17.57 -2.92
CA TYR A 26 -2.63 -18.36 -3.77
C TYR A 26 -4.07 -17.86 -3.65
N SER A 27 -4.83 -17.99 -4.72
CA SER A 27 -6.22 -17.82 -4.69
C SER A 27 -6.82 -19.06 -3.94
N GLY A 28 -7.89 -18.84 -3.17
CA GLY A 28 -8.58 -19.98 -2.52
C GLY A 28 -10.01 -19.65 -2.20
N ILE A 29 -10.70 -20.65 -1.63
CA ILE A 29 -12.08 -20.46 -1.26
C ILE A 29 -12.31 -21.10 0.08
N ARG A 30 -13.09 -20.44 0.91
CA ARG A 30 -13.34 -20.99 2.21
C ARG A 30 -14.52 -21.95 2.01
N VAL A 31 -14.27 -23.21 2.30
CA VAL A 31 -15.23 -24.28 1.99
C VAL A 31 -16.58 -24.08 2.74
N SER A 32 -16.53 -23.57 3.96
CA SER A 32 -17.78 -23.43 4.75
C SER A 32 -18.87 -22.61 4.02
N ASP A 33 -18.54 -21.38 3.57
CA ASP A 33 -19.48 -20.51 2.81
C ASP A 33 -19.07 -20.10 1.37
N ASN A 34 -18.17 -20.85 0.73
CA ASN A 34 -17.52 -20.39 -0.51
C ASN A 34 -17.03 -18.92 -0.58
N LEU A 35 -16.62 -18.36 0.53
CA LEU A 35 -15.99 -17.01 0.50
C LEU A 35 -14.65 -17.04 -0.27
N PRO A 36 -14.46 -16.13 -1.25
CA PRO A 36 -13.10 -16.00 -1.85
C PRO A 36 -12.09 -15.53 -0.83
N VAL A 37 -10.94 -16.20 -0.82
CA VAL A 37 -9.85 -15.80 0.04
C VAL A 37 -8.52 -15.80 -0.74
N ALA A 38 -7.50 -15.18 -0.14
CA ALA A 38 -6.13 -15.32 -0.65
C ALA A 38 -5.37 -15.99 0.46
N ILE A 39 -4.42 -16.88 0.12
CA ILE A 39 -3.75 -17.70 1.12
C ILE A 39 -2.26 -17.46 1.00
N LYS A 40 -1.70 -16.69 1.96
CA LYS A 40 -0.32 -16.24 1.84
C LYS A 40 0.58 -17.01 2.72
N HIS A 41 1.65 -17.60 2.17
CA HIS A 41 2.61 -18.39 2.98
C HIS A 41 3.86 -17.62 3.22
N VAL A 42 4.28 -17.50 4.47
CA VAL A 42 5.45 -16.71 4.78
C VAL A 42 6.44 -17.68 5.46
N GLU A 43 7.62 -17.83 4.86
CA GLU A 43 8.67 -18.70 5.45
C GLU A 43 9.24 -18.12 6.78
N LYS A 44 9.30 -18.96 7.81
CA LYS A 44 9.79 -18.55 9.17
C LYS A 44 11.18 -17.93 9.14
N ASP A 45 12.05 -18.51 8.33
CA ASP A 45 13.38 -18.01 8.27
C ASP A 45 13.54 -16.72 7.45
N ARG A 46 12.48 -16.20 6.84
CA ARG A 46 12.57 -14.92 6.14
C ARG A 46 11.85 -13.83 6.97
N ILE A 47 11.39 -14.17 8.16
CA ILE A 47 10.63 -13.23 8.99
C ILE A 47 11.64 -12.51 9.87
N SER A 48 11.92 -11.23 9.60
CA SER A 48 12.82 -10.45 10.47
C SER A 48 12.21 -9.88 11.76
N ASP A 49 10.90 -9.55 11.78
CA ASP A 49 10.27 -9.04 12.98
C ASP A 49 9.16 -9.87 13.51
N TRP A 50 9.22 -10.10 14.80
CA TRP A 50 8.25 -10.95 15.46
C TRP A 50 7.56 -10.11 16.46
N GLY A 51 6.33 -10.46 16.75
CA GLY A 51 5.65 -9.76 17.81
C GLY A 51 5.00 -10.85 18.61
N GLU A 52 4.03 -10.45 19.40
CA GLU A 52 3.42 -11.43 20.22
C GLU A 52 1.98 -11.04 20.43
N LEU A 53 1.12 -12.04 20.56
CA LEU A 53 -0.28 -11.72 20.71
C LEU A 53 -0.54 -11.48 22.20
N PRO A 54 -1.58 -10.67 22.53
CA PRO A 54 -2.03 -10.63 23.93
C PRO A 54 -2.38 -12.04 24.49
N ASN A 55 -1.39 -12.91 24.60
CA ASN A 55 -1.54 -14.25 25.16
C ASN A 55 -0.23 -15.10 25.14
N GLY A 56 0.84 -14.54 24.57
CA GLY A 56 2.14 -15.21 24.56
C GLY A 56 2.59 -15.86 23.24
N THR A 57 1.64 -16.26 22.39
CA THR A 57 2.03 -16.86 21.11
C THR A 57 2.94 -15.88 20.36
N ARG A 58 4.05 -16.40 19.84
CA ARG A 58 4.96 -15.60 19.03
C ARG A 58 4.57 -15.69 17.52
N VAL A 59 4.27 -14.52 16.92
CA VAL A 59 3.80 -14.43 15.54
C VAL A 59 4.67 -13.45 14.70
N PRO A 60 4.65 -13.56 13.34
CA PRO A 60 5.38 -12.53 12.63
C PRO A 60 4.73 -11.17 12.96
N MET A 61 5.53 -10.14 12.87
CA MET A 61 4.93 -8.86 13.17
C MET A 61 3.83 -8.50 12.13
N GLU A 62 3.92 -9.04 10.92
CA GLU A 62 2.88 -8.79 9.96
C GLU A 62 1.50 -9.22 10.44
N VAL A 63 1.39 -10.34 11.20
CA VAL A 63 0.13 -10.71 11.72
C VAL A 63 -0.36 -9.69 12.82
N VAL A 64 0.55 -9.26 13.71
CA VAL A 64 0.24 -8.18 14.68
C VAL A 64 -0.37 -6.94 13.97
N LEU A 65 0.29 -6.51 12.89
CA LEU A 65 -0.13 -5.25 12.23
C LEU A 65 -1.44 -5.49 11.55
N LEU A 66 -1.61 -6.63 10.84
CA LEU A 66 -2.88 -6.91 10.20
C LEU A 66 -4.02 -6.96 11.23
N LYS A 67 -3.79 -7.56 12.39
CA LYS A 67 -4.87 -7.61 13.41
C LYS A 67 -5.26 -6.21 13.84
N LYS A 68 -4.22 -5.37 14.04
CA LYS A 68 -4.49 -3.99 14.44
C LYS A 68 -5.36 -3.21 13.47
N VAL A 69 -5.14 -3.42 12.15
CA VAL A 69 -5.97 -2.68 11.18
C VAL A 69 -7.22 -3.40 10.70
N SER A 70 -7.47 -4.67 11.17
CA SER A 70 -8.57 -5.47 10.65
C SER A 70 -9.90 -4.86 11.11
N SER A 71 -10.91 -4.88 10.23
CA SER A 71 -12.20 -4.16 10.49
C SER A 71 -13.04 -4.12 9.16
N GLY A 72 -14.27 -3.63 9.26
CA GLY A 72 -15.15 -3.55 8.06
C GLY A 72 -14.72 -2.45 7.07
N PHE A 73 -14.03 -1.41 7.59
CA PHE A 73 -13.51 -0.34 6.72
C PHE A 73 -12.73 -0.99 5.64
N SER A 74 -13.26 -0.94 4.42
CA SER A 74 -12.75 -1.70 3.39
C SER A 74 -11.43 -1.23 2.76
N GLY A 75 -10.75 -0.14 3.20
CA GLY A 75 -9.59 0.25 2.36
C GLY A 75 -8.27 -0.44 2.69
N VAL A 76 -8.26 -1.27 3.77
CA VAL A 76 -7.04 -2.05 4.05
C VAL A 76 -7.46 -3.53 4.00
N ILE A 77 -6.61 -4.39 3.48
CA ILE A 77 -6.99 -5.78 3.36
C ILE A 77 -7.22 -6.38 4.78
N ARG A 78 -8.21 -7.26 4.85
CA ARG A 78 -8.62 -7.83 6.14
C ARG A 78 -8.02 -9.27 6.33
N LEU A 79 -7.31 -9.46 7.43
CA LEU A 79 -6.84 -10.82 7.85
C LEU A 79 -8.03 -11.54 8.44
N LEU A 80 -8.31 -12.69 7.89
CA LEU A 80 -9.46 -13.48 8.38
C LEU A 80 -9.06 -14.57 9.35
N ASP A 81 -7.86 -15.15 9.18
CA ASP A 81 -7.40 -16.23 10.06
C ASP A 81 -5.95 -16.43 9.78
N TRP A 82 -5.27 -17.25 10.59
CA TRP A 82 -3.86 -17.57 10.34
C TRP A 82 -3.55 -18.88 11.02
N PHE A 83 -2.51 -19.55 10.51
CA PHE A 83 -2.14 -20.88 10.96
C PHE A 83 -0.63 -20.90 11.09
N GLU A 84 -0.09 -21.70 12.00
CA GLU A 84 1.37 -21.87 12.06
C GLU A 84 1.70 -23.28 11.61
N ARG A 85 2.75 -23.43 10.81
CA ARG A 85 3.20 -24.74 10.37
C ARG A 85 4.63 -24.88 10.81
N PRO A 86 5.24 -26.07 10.63
CA PRO A 86 6.64 -26.16 11.11
C PRO A 86 7.64 -25.13 10.59
N ASP A 87 7.63 -24.73 9.30
CA ASP A 87 8.66 -23.84 8.80
C ASP A 87 8.04 -22.53 8.23
N SER A 88 6.76 -22.31 8.50
CA SER A 88 6.06 -21.17 7.83
C SER A 88 4.82 -20.75 8.63
N PHE A 89 4.32 -19.54 8.37
CA PHE A 89 2.94 -19.19 8.77
C PHE A 89 2.08 -19.06 7.52
N VAL A 90 0.79 -19.33 7.67
CA VAL A 90 -0.12 -19.20 6.56
C VAL A 90 -1.21 -18.19 6.94
N LEU A 91 -1.38 -17.14 6.15
CA LEU A 91 -2.35 -16.08 6.44
C LEU A 91 -3.51 -16.22 5.50
N ILE A 92 -4.72 -16.13 6.03
CA ILE A 92 -5.89 -16.15 5.18
C ILE A 92 -6.43 -14.73 5.10
N LEU A 93 -6.42 -14.19 3.88
CA LEU A 93 -6.81 -12.79 3.71
C LEU A 93 -8.07 -12.71 2.85
N GLU A 94 -8.82 -11.65 3.03
CA GLU A 94 -9.90 -11.32 2.12
C GLU A 94 -9.50 -11.28 0.64
N ARG A 95 -10.43 -11.65 -0.21
CA ARG A 95 -10.12 -11.57 -1.64
C ARG A 95 -11.30 -10.98 -2.42
N PRO A 96 -11.21 -9.69 -2.79
CA PRO A 96 -12.26 -9.13 -3.67
C PRO A 96 -12.16 -9.77 -5.04
N GLU A 97 -13.22 -9.69 -5.85
N GLU A 97 -13.25 -9.77 -5.78
CA GLU A 97 -13.19 -10.41 -7.13
CA GLU A 97 -13.21 -10.33 -7.14
C GLU A 97 -14.28 -9.88 -8.07
C GLU A 97 -14.24 -9.54 -7.93
N PRO A 98 -13.92 -9.23 -9.22
CA PRO A 98 -12.59 -9.32 -9.84
C PRO A 98 -11.66 -8.20 -9.37
N VAL A 99 -10.35 -8.51 -9.37
N VAL A 99 -10.36 -8.46 -9.42
CA VAL A 99 -9.26 -7.62 -8.86
CA VAL A 99 -9.40 -7.46 -8.98
C VAL A 99 -8.10 -7.49 -9.83
C VAL A 99 -8.37 -7.34 -10.08
N GLN A 100 -7.61 -6.25 -9.98
CA GLN A 100 -6.34 -6.08 -10.71
C GLN A 100 -5.47 -5.18 -9.79
N ASP A 101 -4.18 -5.53 -9.66
CA ASP A 101 -3.33 -4.58 -8.89
C ASP A 101 -3.11 -3.26 -9.64
N LEU A 102 -2.79 -2.20 -8.88
CA LEU A 102 -2.65 -0.91 -9.53
C LEU A 102 -1.46 -0.88 -10.48
N PHE A 103 -0.39 -1.62 -10.17
CA PHE A 103 0.77 -1.66 -11.06
C PHE A 103 0.33 -2.20 -12.46
N ASP A 104 -0.38 -3.33 -12.49
CA ASP A 104 -0.82 -3.87 -13.82
C ASP A 104 -1.83 -2.99 -14.54
N PHE A 105 -2.67 -2.32 -13.74
CA PHE A 105 -3.62 -1.41 -14.27
C PHE A 105 -2.92 -0.24 -15.02
N ILE A 106 -1.89 0.29 -14.38
CA ILE A 106 -1.09 1.39 -15.00
C ILE A 106 -0.33 0.82 -16.23
N THR A 107 0.19 -0.39 -16.14
CA THR A 107 0.87 -1.01 -17.33
C THR A 107 -0.11 -1.02 -18.51
N GLU A 108 -1.37 -1.39 -18.26
CA GLU A 108 -2.38 -1.45 -19.31
C GLU A 108 -2.94 -0.12 -19.85
N ARG A 109 -3.26 0.79 -18.95
CA ARG A 109 -3.87 2.05 -19.33
C ARG A 109 -2.89 3.15 -19.61
N GLY A 110 -1.66 3.01 -19.13
CA GLY A 110 -0.66 4.10 -19.18
C GLY A 110 -0.92 5.18 -18.09
N ALA A 111 -0.50 6.44 -18.32
CA ALA A 111 -0.76 7.49 -17.31
C ALA A 111 -2.31 7.60 -17.15
N LEU A 112 -2.77 7.78 -15.88
CA LEU A 112 -4.23 7.90 -15.61
C LEU A 112 -4.78 9.30 -15.78
N GLN A 113 -6.02 9.44 -16.27
CA GLN A 113 -6.73 10.74 -16.29
C GLN A 113 -6.73 11.27 -14.84
N GLU A 114 -6.56 12.59 -14.70
CA GLU A 114 -6.43 13.12 -13.29
C GLU A 114 -7.70 12.78 -12.48
N GLU A 115 -8.91 12.77 -13.06
CA GLU A 115 -10.09 12.48 -12.19
C GLU A 115 -10.01 11.06 -11.61
N LEU A 116 -9.45 10.10 -12.37
CA LEU A 116 -9.22 8.76 -11.92
C LEU A 116 -8.10 8.67 -10.89
N ALA A 117 -6.96 9.34 -11.18
CA ALA A 117 -5.85 9.41 -10.19
C ALA A 117 -6.38 10.05 -8.89
N ARG A 118 -7.23 11.06 -8.98
CA ARG A 118 -7.72 11.74 -7.73
C ARG A 118 -8.51 10.75 -6.89
N SER A 119 -9.39 10.00 -7.55
CA SER A 119 -10.26 9.05 -6.82
C SER A 119 -9.35 7.98 -6.17
N PHE A 120 -8.40 7.40 -6.93
CA PHE A 120 -7.56 6.38 -6.36
C PHE A 120 -6.65 6.91 -5.27
N PHE A 121 -6.07 8.10 -5.49
CA PHE A 121 -5.13 8.67 -4.51
C PHE A 121 -5.93 8.93 -3.21
N TRP A 122 -7.13 9.51 -3.36
CA TRP A 122 -7.95 9.78 -2.17
C TRP A 122 -8.15 8.53 -1.36
N GLN A 123 -8.56 7.44 -2.02
CA GLN A 123 -8.78 6.20 -1.31
C GLN A 123 -7.52 5.68 -0.65
N VAL A 124 -6.34 5.86 -1.29
CA VAL A 124 -5.14 5.33 -0.64
C VAL A 124 -4.88 6.24 0.63
N LEU A 125 -5.08 7.57 0.51
CA LEU A 125 -4.88 8.40 1.73
C LEU A 125 -5.81 7.95 2.84
N GLU A 126 -7.09 7.65 2.53
CA GLU A 126 -7.99 7.21 3.64
C GLU A 126 -7.46 5.89 4.25
N ALA A 127 -6.94 4.96 3.40
CA ALA A 127 -6.43 3.68 3.93
C ALA A 127 -5.18 3.89 4.80
N VAL A 128 -4.27 4.76 4.33
CA VAL A 128 -3.09 5.00 5.11
C VAL A 128 -3.42 5.75 6.43
N ARG A 129 -4.40 6.70 6.40
CA ARG A 129 -4.83 7.30 7.69
C ARG A 129 -5.38 6.25 8.60
N HIS A 130 -6.16 5.27 8.07
CA HIS A 130 -6.70 4.18 8.93
C HIS A 130 -5.55 3.40 9.54
N CYS A 131 -4.52 3.04 8.77
CA CYS A 131 -3.35 2.35 9.38
C CYS A 131 -2.76 3.16 10.53
N HIS A 132 -2.49 4.43 10.26
CA HIS A 132 -1.81 5.19 11.32
C HIS A 132 -2.73 5.40 12.54
N ASN A 133 -4.04 5.58 12.29
CA ASN A 133 -4.97 5.59 13.41
C ASN A 133 -4.96 4.37 14.28
N CYS A 134 -4.73 3.21 13.68
CA CYS A 134 -4.62 1.94 14.33
C CYS A 134 -3.20 1.67 14.85
N GLY A 135 -2.30 2.65 14.76
CA GLY A 135 -0.91 2.50 15.33
C GLY A 135 0.03 1.64 14.42
N VAL A 136 -0.25 1.60 13.11
CA VAL A 136 0.54 0.79 12.13
C VAL A 136 1.09 1.69 11.02
N LEU A 137 2.35 1.48 10.76
CA LEU A 137 3.09 2.17 9.66
C LEU A 137 3.29 1.11 8.59
N HIS A 138 2.83 1.34 7.37
CA HIS A 138 2.92 0.28 6.32
C HIS A 138 4.38 0.12 5.77
N ARG A 139 5.05 1.26 5.48
CA ARG A 139 6.41 1.34 4.95
C ARG A 139 6.65 0.71 3.58
N ASP A 140 5.57 0.37 2.87
CA ASP A 140 5.79 -0.12 1.50
C ASP A 140 4.66 0.30 0.57
N ILE A 141 4.19 1.57 0.73
CA ILE A 141 3.08 2.06 -0.13
C ILE A 141 3.67 2.18 -1.53
N LYS A 142 2.97 1.52 -2.48
CA LYS A 142 3.45 1.55 -3.92
C LYS A 142 2.33 0.87 -4.75
N ASP A 143 2.36 1.11 -6.07
CA ASP A 143 1.25 0.55 -6.90
C ASP A 143 1.13 -1.02 -6.83
N GLU A 144 2.30 -1.66 -6.65
CA GLU A 144 2.29 -3.14 -6.52
C GLU A 144 1.51 -3.63 -5.31
N ASN A 145 1.37 -2.76 -4.28
CA ASN A 145 0.70 -3.14 -3.07
C ASN A 145 -0.69 -2.56 -2.93
N ILE A 146 -1.35 -2.27 -4.07
CA ILE A 146 -2.71 -1.68 -3.99
C ILE A 146 -3.53 -2.56 -4.94
N LEU A 147 -4.67 -3.09 -4.49
CA LEU A 147 -5.54 -3.90 -5.37
C LEU A 147 -6.73 -3.00 -5.70
N ILE A 148 -7.24 -3.14 -6.92
CA ILE A 148 -8.47 -2.42 -7.32
C ILE A 148 -9.65 -3.42 -7.46
N ASP A 149 -10.71 -3.27 -6.65
CA ASP A 149 -11.96 -4.07 -6.89
C ASP A 149 -12.61 -3.39 -8.10
N LEU A 150 -12.57 -4.05 -9.25
CA LEU A 150 -13.02 -3.42 -10.51
C LEU A 150 -14.51 -3.20 -10.60
N ASN A 151 -15.28 -3.96 -9.82
CA ASN A 151 -16.73 -3.76 -9.91
C ASN A 151 -17.16 -2.63 -9.02
N ARG A 152 -16.52 -2.50 -7.83
CA ARG A 152 -16.97 -1.46 -6.91
C ARG A 152 -16.13 -0.15 -6.94
N GLY A 153 -15.01 -0.17 -7.66
CA GLY A 153 -14.11 0.98 -7.71
C GLY A 153 -13.40 1.22 -6.36
N GLU A 154 -13.25 0.18 -5.55
CA GLU A 154 -12.65 0.37 -4.18
C GLU A 154 -11.26 -0.17 -4.23
N LEU A 155 -10.31 0.59 -3.69
CA LEU A 155 -8.90 0.15 -3.58
C LEU A 155 -8.66 -0.49 -2.23
N LYS A 156 -7.69 -1.40 -2.14
CA LYS A 156 -7.35 -2.09 -0.87
C LYS A 156 -5.81 -2.03 -0.80
N LEU A 157 -5.28 -1.54 0.30
CA LEU A 157 -3.84 -1.64 0.57
C LEU A 157 -3.49 -3.03 1.11
N ILE A 158 -2.52 -3.67 0.48
CA ILE A 158 -2.10 -5.05 0.90
C ILE A 158 -0.62 -5.06 1.32
N ASP A 159 -0.13 -6.22 1.85
CA ASP A 159 1.28 -6.53 2.14
C ASP A 159 1.92 -5.70 3.23
N PHE A 160 1.54 -6.02 4.47
CA PHE A 160 2.14 -5.44 5.62
C PHE A 160 3.45 -6.06 6.11
N GLY A 161 4.04 -6.86 5.24
CA GLY A 161 5.30 -7.51 5.51
C GLY A 161 6.53 -6.65 5.75
N SER A 162 6.53 -5.34 5.39
CA SER A 162 7.67 -4.43 5.68
C SER A 162 7.28 -3.46 6.77
N GLY A 163 6.09 -3.65 7.31
CA GLY A 163 5.56 -2.55 8.20
C GLY A 163 6.10 -2.58 9.62
N ALA A 164 5.65 -1.63 10.42
CA ALA A 164 6.10 -1.54 11.85
C ALA A 164 5.01 -0.96 12.67
N LEU A 165 5.12 -1.08 14.02
CA LEU A 165 4.26 -0.25 14.85
C LEU A 165 4.69 1.21 14.64
N LEU A 166 3.68 2.07 14.55
CA LEU A 166 3.93 3.53 14.37
C LEU A 166 4.45 4.07 15.71
N LYS A 167 5.51 4.82 15.60
CA LYS A 167 6.09 5.54 16.76
C LYS A 167 6.45 6.98 16.34
N ASP A 168 6.75 7.83 17.33
CA ASP A 168 7.08 9.26 17.06
C ASP A 168 8.54 9.57 17.01
N THR A 169 9.37 8.55 17.25
CA THR A 169 10.84 8.72 17.20
C THR A 169 11.39 8.15 15.89
N VAL A 170 12.71 8.16 15.73
CA VAL A 170 13.30 7.89 14.44
C VAL A 170 13.34 6.40 14.16
N TYR A 171 13.18 6.00 12.91
CA TYR A 171 13.39 4.62 12.46
C TYR A 171 14.77 4.55 11.82
N THR A 172 15.51 3.47 12.09
CA THR A 172 16.87 3.35 11.54
C THR A 172 17.04 2.05 10.74
N ASP A 173 15.95 1.33 10.55
CA ASP A 173 15.92 0.15 9.74
C ASP A 173 14.83 0.35 8.68
N PHE A 174 14.99 -0.30 7.52
CA PHE A 174 13.98 -0.22 6.47
C PHE A 174 14.15 -1.37 5.48
N ASP A 175 13.05 -2.03 5.11
CA ASP A 175 13.16 -3.12 4.16
C ASP A 175 11.95 -3.07 3.19
N GLY A 176 11.43 -1.85 2.92
CA GLY A 176 10.44 -1.71 1.88
C GLY A 176 11.15 -1.47 0.54
N THR A 177 10.57 -0.64 -0.34
CA THR A 177 11.01 -0.55 -1.75
C THR A 177 11.88 0.71 -1.85
N ARG A 178 13.13 0.53 -2.28
CA ARG A 178 14.05 1.69 -2.22
C ARG A 178 13.62 2.88 -3.09
N VAL A 179 13.07 2.64 -4.29
CA VAL A 179 12.73 3.79 -5.20
C VAL A 179 11.51 4.55 -4.69
N TYR A 180 10.87 4.05 -3.62
CA TYR A 180 9.81 4.87 -2.92
C TYR A 180 10.28 5.47 -1.60
N SER A 181 11.57 5.20 -1.24
CA SER A 181 12.10 5.54 0.08
C SER A 181 12.64 7.01 -0.01
N PRO A 182 12.59 7.76 1.08
CA PRO A 182 12.92 9.20 1.06
C PRO A 182 14.46 9.50 1.14
N PRO A 183 14.81 10.71 0.80
CA PRO A 183 16.23 11.01 0.68
C PRO A 183 16.93 10.85 2.01
N GLU A 184 16.23 11.14 3.14
CA GLU A 184 16.88 10.96 4.44
C GLU A 184 17.21 9.49 4.72
N TRP A 185 16.46 8.55 4.19
CA TRP A 185 16.81 7.12 4.33
C TRP A 185 18.02 6.87 3.45
N ILE A 186 17.95 7.30 2.19
CA ILE A 186 19.15 7.06 1.32
C ILE A 186 20.45 7.64 1.92
N ARG A 187 20.43 8.87 2.41
CA ARG A 187 21.63 9.52 2.89
C ARG A 187 22.05 9.09 4.26
N TYR A 188 21.10 8.95 5.17
CA TYR A 188 21.40 8.81 6.62
C TYR A 188 20.91 7.56 7.29
N HIS A 189 20.13 6.76 6.58
CA HIS A 189 19.57 5.57 7.20
C HIS A 189 18.69 5.96 8.41
N ARG A 190 17.95 7.06 8.26
CA ARG A 190 17.07 7.55 9.37
C ARG A 190 15.87 8.19 8.72
N TYR A 191 14.70 7.96 9.29
CA TYR A 191 13.50 8.71 8.83
C TYR A 191 12.46 8.64 9.96
N HIS A 192 11.48 9.54 9.86
CA HIS A 192 10.33 9.48 10.74
C HIS A 192 9.14 8.91 9.90
N GLY A 193 8.22 8.23 10.57
CA GLY A 193 7.27 7.36 9.75
C GLY A 193 6.32 8.15 8.89
N ARG A 194 5.74 9.24 9.45
CA ARG A 194 4.68 9.95 8.69
C ARG A 194 5.30 10.68 7.52
N SER A 195 6.43 11.41 7.75
CA SER A 195 6.97 12.12 6.55
C SER A 195 7.55 11.15 5.53
N ALA A 196 8.04 9.96 5.93
CA ALA A 196 8.52 8.97 4.92
C ALA A 196 7.28 8.45 4.13
N ALA A 197 6.14 8.28 4.85
CA ALA A 197 4.91 7.77 4.18
C ALA A 197 4.49 8.84 3.16
N VAL A 198 4.53 10.10 3.58
CA VAL A 198 4.14 11.18 2.64
C VAL A 198 5.01 11.22 1.36
N TRP A 199 6.33 11.09 1.54
CA TRP A 199 7.21 10.98 0.38
C TRP A 199 6.76 9.83 -0.51
N SER A 200 6.54 8.65 0.07
CA SER A 200 6.11 7.52 -0.79
C SER A 200 4.80 7.86 -1.55
N LEU A 201 3.89 8.63 -0.90
CA LEU A 201 2.58 8.92 -1.56
C LEU A 201 2.83 9.91 -2.73
N GLY A 202 3.84 10.79 -2.57
CA GLY A 202 4.21 11.63 -3.74
C GLY A 202 4.75 10.81 -4.91
N ILE A 203 5.57 9.80 -4.59
CA ILE A 203 6.03 8.90 -5.66
C ILE A 203 4.85 8.20 -6.31
N LEU A 204 3.95 7.66 -5.48
CA LEU A 204 2.74 7.01 -6.01
C LEU A 204 1.89 7.91 -6.86
N LEU A 205 1.67 9.15 -6.41
CA LEU A 205 0.81 10.08 -7.21
C LEU A 205 1.53 10.35 -8.56
N TYR A 206 2.83 10.65 -8.58
CA TYR A 206 3.52 10.82 -9.87
C TYR A 206 3.32 9.58 -10.73
N ASP A 207 3.57 8.40 -10.13
CA ASP A 207 3.33 7.17 -10.89
C ASP A 207 1.89 7.10 -11.54
N MET A 208 0.83 7.48 -10.77
CA MET A 208 -0.49 7.44 -11.36
C MET A 208 -0.60 8.39 -12.53
N VAL A 209 -0.15 9.65 -12.38
CA VAL A 209 -0.44 10.62 -13.43
C VAL A 209 0.55 10.62 -14.55
N CYS A 210 1.75 10.07 -14.32
CA CYS A 210 2.76 10.02 -15.45
C CYS A 210 2.91 8.60 -16.02
N GLY A 211 2.32 7.56 -15.35
CA GLY A 211 2.54 6.17 -15.82
C GLY A 211 3.81 5.47 -15.40
N ASP A 212 4.70 6.11 -14.64
CA ASP A 212 5.88 5.46 -14.11
C ASP A 212 6.40 6.31 -12.96
N ILE A 213 7.25 5.69 -12.13
CA ILE A 213 7.83 6.46 -10.99
C ILE A 213 8.88 7.53 -11.47
N PRO A 214 9.11 8.57 -10.64
CA PRO A 214 9.99 9.66 -11.16
C PRO A 214 11.46 9.33 -11.00
N PHE A 215 11.81 8.49 -10.01
CA PHE A 215 13.25 8.28 -9.68
C PHE A 215 13.60 6.83 -9.74
N GLU A 216 14.74 6.52 -10.37
CA GLU A 216 15.16 5.11 -10.40
C GLU A 216 16.51 4.97 -9.66
N HIS A 217 17.19 6.07 -9.38
CA HIS A 217 18.57 5.98 -8.86
C HIS A 217 18.68 6.82 -7.60
N ASP A 218 19.51 6.37 -6.66
CA ASP A 218 19.77 7.15 -5.42
C ASP A 218 20.04 8.62 -5.68
N GLU A 219 20.88 8.93 -6.68
CA GLU A 219 21.22 10.27 -7.01
C GLU A 219 20.01 11.16 -7.32
N GLU A 220 19.00 10.58 -7.98
CA GLU A 220 17.81 11.35 -8.36
C GLU A 220 16.93 11.58 -7.16
N ILE A 221 16.96 10.60 -6.27
CA ILE A 221 16.10 10.72 -5.02
C ILE A 221 16.69 11.83 -4.17
N ILE A 222 18.02 11.81 -3.98
CA ILE A 222 18.58 12.84 -3.19
C ILE A 222 18.53 14.23 -3.75
N ARG A 223 18.53 14.38 -5.08
CA ARG A 223 18.50 15.76 -5.66
C ARG A 223 17.02 16.28 -5.55
N GLY A 224 16.06 15.37 -5.70
CA GLY A 224 14.58 15.60 -5.51
C GLY A 224 14.02 16.55 -6.61
N GLN A 225 14.71 16.70 -7.76
CA GLN A 225 14.15 17.53 -8.82
C GLN A 225 13.11 16.61 -9.59
N VAL A 226 11.90 17.13 -9.87
CA VAL A 226 10.86 16.28 -10.45
C VAL A 226 10.64 16.90 -11.85
N PHE A 227 10.75 16.09 -12.89
CA PHE A 227 10.45 16.53 -14.28
C PHE A 227 9.17 15.75 -14.66
N PHE A 228 8.17 16.43 -15.27
CA PHE A 228 6.95 15.78 -15.72
C PHE A 228 7.00 15.44 -17.11
N ARG A 229 6.83 14.13 -17.34
CA ARG A 229 6.93 13.55 -18.68
C ARG A 229 5.59 13.44 -19.48
N GLN A 230 4.53 13.73 -18.79
CA GLN A 230 3.12 13.75 -19.36
C GLN A 230 2.53 15.08 -18.95
N ARG A 231 1.49 15.50 -19.68
CA ARG A 231 0.78 16.69 -19.27
C ARG A 231 0.04 16.48 -17.96
N VAL A 232 0.37 17.31 -17.01
CA VAL A 232 -0.20 17.18 -15.66
C VAL A 232 -0.50 18.63 -15.23
N SER A 233 -1.69 18.81 -14.60
CA SER A 233 -2.09 20.16 -14.20
C SER A 233 -1.19 20.77 -13.18
N SER A 234 -1.18 22.13 -13.14
CA SER A 234 -0.28 22.74 -12.17
C SER A 234 -0.64 22.40 -10.73
N GLU A 235 -1.95 22.25 -10.47
CA GLU A 235 -2.31 21.93 -9.08
C GLU A 235 -1.79 20.54 -8.68
N CYS A 236 -1.90 19.59 -9.61
CA CYS A 236 -1.42 18.26 -9.31
C CYS A 236 0.12 18.29 -9.19
N GLN A 237 0.82 19.00 -10.09
CA GLN A 237 2.28 19.08 -9.92
C GLN A 237 2.66 19.74 -8.59
N HIS A 238 1.90 20.74 -8.17
CA HIS A 238 2.21 21.40 -6.88
C HIS A 238 2.11 20.36 -5.72
N LEU A 239 1.04 19.55 -5.73
CA LEU A 239 0.83 18.58 -4.63
C LEU A 239 1.98 17.55 -4.62
N ILE A 240 2.37 17.07 -5.81
CA ILE A 240 3.43 16.12 -5.87
C ILE A 240 4.73 16.71 -5.41
N ARG A 241 5.06 17.89 -5.86
CA ARG A 241 6.36 18.49 -5.43
C ARG A 241 6.37 18.77 -3.93
N TRP A 242 5.20 19.06 -3.35
CA TRP A 242 5.09 19.29 -1.88
C TRP A 242 5.36 17.97 -1.12
N CYS A 243 4.72 16.87 -1.56
CA CYS A 243 5.00 15.57 -0.95
C CYS A 243 6.47 15.15 -1.04
N LEU A 244 7.12 15.60 -2.14
CA LEU A 244 8.50 15.25 -2.39
C LEU A 244 9.46 16.42 -1.97
N ALA A 245 9.04 17.20 -0.98
CA ALA A 245 9.94 18.19 -0.42
C ALA A 245 11.17 17.49 0.19
N LEU A 246 12.39 18.06 -0.08
CA LEU A 246 13.56 17.35 0.43
C LEU A 246 13.58 17.31 2.00
N ARG A 247 13.21 18.41 2.65
CA ARG A 247 13.22 18.44 4.11
C ARG A 247 11.96 17.79 4.65
N PRO A 248 12.07 16.81 5.51
CA PRO A 248 10.82 16.09 5.96
C PRO A 248 9.78 17.00 6.51
N SER A 249 10.17 18.01 7.32
CA SER A 249 9.15 18.87 7.91
C SER A 249 8.53 19.86 6.95
N ASP A 250 9.01 19.96 5.73
CA ASP A 250 8.39 20.76 4.69
C ASP A 250 7.28 19.97 3.90
N ARG A 251 7.11 18.67 4.15
CA ARG A 251 6.08 17.81 3.46
C ARG A 251 4.74 18.07 4.13
N PRO A 252 3.66 17.86 3.41
CA PRO A 252 2.34 18.14 4.01
C PRO A 252 1.93 17.05 4.97
N THR A 253 1.04 17.38 5.91
CA THR A 253 0.35 16.34 6.65
C THR A 253 -0.75 15.68 5.82
N PHE A 254 -1.32 14.59 6.36
CA PHE A 254 -2.42 13.98 5.54
C PHE A 254 -3.57 14.96 5.41
N GLU A 255 -3.87 15.77 6.47
CA GLU A 255 -4.92 16.77 6.34
C GLU A 255 -4.59 17.79 5.26
N GLU A 256 -3.34 18.26 5.22
CA GLU A 256 -2.97 19.24 4.19
C GLU A 256 -3.08 18.62 2.79
N ILE A 257 -2.73 17.32 2.66
CA ILE A 257 -2.90 16.68 1.32
C ILE A 257 -4.40 16.68 0.97
N GLN A 258 -5.23 16.22 1.92
CA GLN A 258 -6.62 16.09 1.54
C GLN A 258 -7.36 17.45 1.43
N ASN A 259 -6.79 18.54 1.95
CA ASN A 259 -7.42 19.85 1.75
C ASN A 259 -6.77 20.62 0.59
N HIS A 260 -5.85 19.97 -0.12
CA HIS A 260 -5.20 20.66 -1.22
C HIS A 260 -6.24 20.85 -2.39
N PRO A 261 -6.09 21.94 -3.16
CA PRO A 261 -7.11 22.20 -4.22
C PRO A 261 -7.23 21.11 -5.23
N TRP A 262 -6.11 20.42 -5.47
CA TRP A 262 -6.20 19.30 -6.43
C TRP A 262 -7.13 18.17 -5.97
N MET A 263 -7.31 18.01 -4.64
CA MET A 263 -8.03 16.86 -4.14
C MET A 263 -9.55 17.11 -3.94
N GLN A 264 -10.05 18.28 -4.36
CA GLN A 264 -11.52 18.59 -4.15
C GLN A 264 -12.42 17.85 -5.15
N ASP A 265 -13.66 17.63 -4.74
CA ASP A 265 -14.69 17.03 -5.60
C ASP A 265 -14.33 15.63 -6.11
N VAL A 266 -13.78 14.78 -5.24
CA VAL A 266 -13.47 13.40 -5.62
C VAL A 266 -14.74 12.58 -5.94
N LEU A 267 -14.62 11.70 -6.92
CA LEU A 267 -15.69 10.78 -7.28
C LEU A 267 -15.83 9.77 -6.10
N LEU A 268 -17.05 9.24 -5.94
CA LEU A 268 -17.28 8.11 -5.02
C LEU A 268 -16.66 6.82 -5.69
N PRO A 269 -16.38 5.76 -4.91
CA PRO A 269 -15.76 4.61 -5.57
C PRO A 269 -16.74 4.05 -6.65
N GLN A 270 -18.06 3.95 -6.37
CA GLN A 270 -18.95 3.36 -7.39
C GLN A 270 -19.00 4.17 -8.69
N GLU A 271 -18.99 5.48 -8.56
CA GLU A 271 -19.04 6.34 -9.73
C GLU A 271 -17.70 6.14 -10.51
N THR A 272 -16.62 6.05 -9.75
CA THR A 272 -15.31 5.76 -10.36
C THR A 272 -15.40 4.48 -11.18
N ALA A 273 -16.07 3.45 -10.68
CA ALA A 273 -16.06 2.19 -11.44
C ALA A 273 -16.94 2.40 -12.72
N GLU A 274 -18.03 3.13 -12.56
CA GLU A 274 -19.03 3.26 -13.67
C GLU A 274 -18.37 4.07 -14.82
N ILE A 275 -17.62 5.11 -14.44
CA ILE A 275 -16.98 6.00 -15.42
C ILE A 275 -15.73 5.45 -16.03
N HIS A 276 -14.89 4.83 -15.21
CA HIS A 276 -13.54 4.47 -15.65
C HIS A 276 -13.21 3.02 -15.72
N LEU A 277 -13.95 2.17 -15.05
CA LEU A 277 -13.57 0.80 -14.98
C LEU A 277 -14.54 -0.15 -15.69
N HIS A 278 -15.73 0.30 -16.00
CA HIS A 278 -16.73 -0.64 -16.46
C HIS A 278 -16.71 -0.74 -17.94
C01 UNQ B . -4.66 -10.82 -3.16
C02 UNQ B . -2.90 -10.37 -1.67
C03 UNQ B . -3.28 -10.74 -2.93
C04 UNQ B . -3.84 -10.10 -0.65
C05 UNQ B . -5.59 -10.56 -2.12
C06 UNQ B . -5.23 -10.25 -0.81
O07 UNQ B . -3.18 -9.80 0.53
C08 UNQ B . -1.54 -10.19 -1.10
C09 UNQ B . -1.82 -9.87 0.19
C10 UNQ B . -0.81 -9.48 1.25
O11 UNQ B . 0.42 -9.54 1.07
O12 UNQ B . -1.44 -8.85 2.24
C13 UNQ B . -5.08 -11.10 -4.56
C14 UNQ B . -4.81 -11.17 -6.93
N15 UNQ B . -4.27 -10.91 -5.66
C16 UNQ B . -6.16 -11.60 -7.07
C17 UNQ B . -6.42 -11.48 -4.76
N18 UNQ B . -6.95 -11.74 -5.99
N19 UNQ B . -3.97 -10.99 -8.03
C20 UNQ B . -2.50 -10.75 -7.77
C21 UNQ B . -1.67 -11.14 -9.04
C22 UNQ B . -0.17 -10.74 -8.88
C23 UNQ B . 0.01 -9.24 -8.50
C24 UNQ B . -0.82 -8.93 -7.23
C25 UNQ B . -2.30 -9.23 -7.46
N26 UNQ B . 1.37 -8.80 -8.43
N1 IMD C . 10.25 -0.61 -9.11
C2 IMD C . 10.58 0.25 -10.09
N3 IMD C . 11.91 0.39 -10.12
C4 IMD C . 12.41 -0.38 -9.15
C5 IMD C . 11.36 -0.99 -8.50
N1 IMD D . 3.50 0.60 -13.11
C2 IMD D . 3.59 0.09 -14.37
N3 IMD D . 4.65 0.62 -14.96
C4 IMD D . 5.22 1.44 -14.10
C5 IMD D . 4.49 1.45 -12.94
N1 IMD E . 5.80 -6.72 -12.57
C2 IMD E . 5.07 -6.44 -11.48
N3 IMD E . 5.91 -5.92 -10.57
C4 IMD E . 7.14 -5.85 -11.04
C5 IMD E . 7.06 -6.36 -12.31
#